data_6E2A
#
_entry.id   6E2A
#
_cell.length_a   93.380
_cell.length_b   93.380
_cell.length_c   80.760
_cell.angle_alpha   90.00
_cell.angle_beta   90.00
_cell.angle_gamma   120.00
#
_symmetry.space_group_name_H-M   'P 31 2 1'
#
loop_
_entity.id
_entity.type
_entity.pdbx_description
1 polymer 'Nitronate monooxygenase'
2 non-polymer 'FLAVIN MONONUCLEOTIDE'
3 non-polymer NICOTINAMIDE-ADENINE-DINUCLEOTIDE
4 non-polymer GLYCEROL
5 water water
#
_entity_poly.entity_id   1
_entity_poly.type   'polypeptide(L)'
_entity_poly.pdbx_seq_one_letter_code
;MGVFRTRFTETFGVEHPIMQGGMQWVGRAEMAAAVANAGGLATLSALTQPSPEALAAEIARCRELTDRPFGVNLTLLPTQ
KPVPYAEYRAAIIEAGIRVVETAGNDPGEHIAEFRRHGVKVIHKCTAVRHALKAERLGVDAVSIDGFECAGHPGEDDIPG
LVLLPAAANRLRVPIIASGGFADGRGLVAALALGADAINMGTRFLATRECPIHPAVKAAIRAADERSTDLIMRSLRNTAR
VARNAISQEVLAIEARGGAGYADIAALVSGQRGRQVYQQGDTDLGIWSAGMVQGLIDDEPACAELLRDIVEQARQLVRQR
LEGMLAGVHHHHHH
;
_entity_poly.pdbx_strand_id   A
#
loop_
_chem_comp.id
_chem_comp.type
_chem_comp.name
_chem_comp.formula
FMN non-polymer 'FLAVIN MONONUCLEOTIDE' 'C17 H21 N4 O9 P'
GOL non-polymer GLYCEROL 'C3 H8 O3'
NAD non-polymer NICOTINAMIDE-ADENINE-DINUCLEOTIDE 'C21 H27 N7 O14 P2'
#
# COMPACT_ATOMS: atom_id res chain seq x y z
N GLY A 2 -12.39 3.75 18.95
CA GLY A 2 -12.89 2.50 18.42
C GLY A 2 -12.65 1.28 19.29
N VAL A 3 -12.16 0.19 18.69
CA VAL A 3 -11.88 -1.03 19.44
C VAL A 3 -10.46 -1.06 19.96
N PHE A 4 -9.51 -0.62 19.13
CA PHE A 4 -8.09 -0.59 19.45
C PHE A 4 -7.62 0.85 19.48
N ARG A 5 -6.91 1.23 20.52
CA ARG A 5 -6.28 2.54 20.57
C ARG A 5 -4.78 2.34 20.52
N THR A 6 -4.12 2.96 19.54
CA THR A 6 -2.69 2.76 19.34
C THR A 6 -2.05 4.09 19.06
N ARG A 7 -0.71 4.08 19.03
CA ARG A 7 0.02 5.28 18.64
C ARG A 7 -0.44 5.77 17.27
N PHE A 8 -0.87 4.85 16.41
CA PHE A 8 -1.32 5.21 15.07
C PHE A 8 -2.63 5.96 15.11
N THR A 9 -3.65 5.38 15.75
CA THR A 9 -4.96 6.04 15.83
C THR A 9 -4.85 7.40 16.49
N GLU A 10 -3.99 7.51 17.51
CA GLU A 10 -3.78 8.77 18.19
C GLU A 10 -3.09 9.79 17.28
N THR A 11 -2.03 9.36 16.59
CA THR A 11 -1.24 10.30 15.82
C THR A 11 -2.00 10.83 14.63
N PHE A 12 -2.83 9.99 14.00
CA PHE A 12 -3.50 10.35 12.77
C PHE A 12 -4.99 10.53 12.95
N GLY A 13 -5.51 10.38 14.16
CA GLY A 13 -6.88 10.74 14.43
C GLY A 13 -7.93 9.93 13.71
N VAL A 14 -7.73 8.62 13.58
CA VAL A 14 -8.71 7.76 12.95
C VAL A 14 -9.12 6.70 13.97
N GLU A 15 -10.24 6.05 13.69
CA GLU A 15 -10.87 5.12 14.65
C GLU A 15 -10.17 3.77 14.69
N HIS A 16 -9.69 3.26 13.56
CA HIS A 16 -9.11 1.93 13.51
C HIS A 16 -7.64 1.99 13.12
N PRO A 17 -6.80 1.09 13.66
CA PRO A 17 -5.37 1.05 13.31
C PRO A 17 -5.15 0.36 11.97
N ILE A 18 -5.84 0.86 10.95
N ILE A 18 -5.88 0.84 10.96
CA ILE A 18 -5.84 0.24 9.63
CA ILE A 18 -5.86 0.27 9.62
C ILE A 18 -5.72 1.35 8.59
C ILE A 18 -5.65 1.41 8.64
N MET A 19 -4.80 1.18 7.64
CA MET A 19 -4.52 2.16 6.61
C MET A 19 -4.68 1.52 5.24
N GLN A 20 -5.22 2.28 4.29
CA GLN A 20 -5.23 1.88 2.88
C GLN A 20 -4.19 2.74 2.18
N GLY A 21 -3.07 2.13 1.85
CA GLY A 21 -1.97 2.86 1.25
C GLY A 21 -2.13 3.09 -0.24
N GLY A 22 -1.08 3.63 -0.83
CA GLY A 22 -1.14 4.03 -2.22
C GLY A 22 -1.47 2.84 -3.11
N MET A 23 -2.38 3.07 -4.05
CA MET A 23 -2.69 2.06 -5.05
C MET A 23 -2.83 2.74 -6.40
N GLN A 24 -1.79 2.63 -7.23
CA GLN A 24 -1.83 3.17 -8.58
C GLN A 24 -3.04 2.60 -9.34
N TRP A 25 -3.80 3.50 -9.99
CA TRP A 25 -4.97 3.25 -10.84
C TRP A 25 -6.21 3.01 -10.01
N VAL A 26 -6.05 2.43 -8.82
CA VAL A 26 -7.18 2.00 -8.01
C VAL A 26 -7.53 3.05 -6.97
N GLY A 27 -6.51 3.74 -6.46
CA GLY A 27 -6.70 4.64 -5.34
C GLY A 27 -7.38 5.91 -5.75
N ARG A 28 -8.66 5.80 -6.10
CA ARG A 28 -9.46 6.93 -6.55
C ARG A 28 -10.49 7.26 -5.48
N ALA A 29 -11.28 8.30 -5.78
CA ALA A 29 -12.20 8.85 -4.79
C ALA A 29 -13.07 7.78 -4.16
N GLU A 30 -13.60 6.84 -4.95
CA GLU A 30 -14.52 5.84 -4.40
C GLU A 30 -13.83 4.94 -3.39
N MET A 31 -12.58 4.56 -3.66
CA MET A 31 -11.85 3.73 -2.71
C MET A 31 -11.57 4.51 -1.43
N ALA A 32 -10.93 5.68 -1.56
CA ALA A 32 -10.52 6.44 -0.38
C ALA A 32 -11.70 6.77 0.52
N ALA A 33 -12.82 7.20 -0.07
CA ALA A 33 -13.96 7.60 0.75
C ALA A 33 -14.54 6.41 1.51
N ALA A 34 -14.64 5.26 0.86
CA ALA A 34 -15.10 4.05 1.54
C ALA A 34 -14.24 3.73 2.74
N VAL A 35 -12.93 3.84 2.60
CA VAL A 35 -12.05 3.50 3.71
C VAL A 35 -12.15 4.56 4.81
N ALA A 36 -12.19 5.83 4.41
CA ALA A 36 -12.33 6.90 5.39
C ALA A 36 -13.65 6.80 6.12
N ASN A 37 -14.75 6.55 5.39
CA ASN A 37 -16.05 6.37 6.04
C ASN A 37 -16.08 5.13 6.91
N ALA A 38 -15.26 4.11 6.59
CA ALA A 38 -15.21 2.87 7.36
C ALA A 38 -14.39 3.00 8.64
N GLY A 39 -13.69 4.11 8.85
CA GLY A 39 -12.92 4.32 10.05
C GLY A 39 -11.42 4.17 9.91
N GLY A 40 -10.90 3.96 8.71
CA GLY A 40 -9.48 3.77 8.50
C GLY A 40 -8.81 5.03 8.00
N LEU A 41 -7.48 4.95 7.87
CA LEU A 41 -6.71 5.98 7.18
C LEU A 41 -6.69 5.65 5.69
N ALA A 42 -7.38 6.46 4.89
CA ALA A 42 -7.44 6.25 3.45
C ALA A 42 -6.46 7.15 2.71
N THR A 43 -6.09 6.75 1.50
CA THR A 43 -5.24 7.59 0.65
C THR A 43 -5.77 7.65 -0.77
N LEU A 44 -5.76 8.83 -1.37
CA LEU A 44 -5.88 8.95 -2.81
C LEU A 44 -4.49 8.79 -3.42
N SER A 45 -4.42 8.07 -4.54
CA SER A 45 -3.16 7.95 -5.27
C SER A 45 -2.92 9.24 -6.05
N ALA A 46 -1.78 9.89 -5.81
CA ALA A 46 -1.52 11.13 -6.55
C ALA A 46 -1.19 10.87 -8.00
N LEU A 47 -0.29 9.93 -8.27
CA LEU A 47 0.13 9.71 -9.64
C LEU A 47 -0.91 8.93 -10.45
N THR A 48 -2.03 8.54 -9.86
CA THR A 48 -3.13 8.02 -10.66
C THR A 48 -3.81 9.14 -11.43
N GLN A 49 -3.77 10.36 -10.90
CA GLN A 49 -4.26 11.53 -11.59
C GLN A 49 -3.19 12.07 -12.52
N PRO A 50 -3.52 12.35 -13.78
CA PRO A 50 -2.49 12.66 -14.78
C PRO A 50 -1.91 14.06 -14.71
N SER A 51 -2.39 14.93 -13.82
CA SER A 51 -1.78 16.24 -13.64
C SER A 51 -2.09 16.72 -12.24
N PRO A 52 -1.30 17.67 -11.71
CA PRO A 52 -1.65 18.29 -10.42
C PRO A 52 -3.06 18.82 -10.38
N GLU A 53 -3.51 19.46 -11.47
CA GLU A 53 -4.86 20.00 -11.54
C GLU A 53 -5.90 18.89 -11.43
N ALA A 54 -5.63 17.72 -12.03
CA ALA A 54 -6.56 16.60 -11.92
C ALA A 54 -6.58 16.03 -10.50
N LEU A 55 -5.43 16.02 -9.83
CA LEU A 55 -5.41 15.59 -8.43
C LEU A 55 -6.23 16.53 -7.57
N ALA A 56 -6.16 17.85 -7.83
CA ALA A 56 -7.01 18.77 -7.10
C ALA A 56 -8.47 18.44 -7.33
N ALA A 57 -8.82 18.13 -8.58
CA ALA A 57 -10.21 17.80 -8.87
C ALA A 57 -10.62 16.50 -8.19
N GLU A 58 -9.70 15.54 -8.08
CA GLU A 58 -10.05 14.26 -7.44
C GLU A 58 -10.17 14.41 -5.92
N ILE A 59 -9.31 15.23 -5.31
CA ILE A 59 -9.47 15.52 -3.88
C ILE A 59 -10.86 16.09 -3.63
N ALA A 60 -11.27 17.05 -4.46
CA ALA A 60 -12.60 17.65 -4.33
C ALA A 60 -13.69 16.60 -4.52
N ARG A 61 -13.54 15.71 -5.51
CA ARG A 61 -14.54 14.67 -5.70
C ARG A 61 -14.60 13.75 -4.49
N CYS A 62 -13.44 13.41 -3.90
CA CYS A 62 -13.45 12.55 -2.73
C CYS A 62 -14.14 13.21 -1.54
N ARG A 63 -14.00 14.54 -1.42
CA ARG A 63 -14.68 15.27 -0.35
C ARG A 63 -16.20 15.34 -0.54
N GLU A 64 -16.70 15.09 -1.75
CA GLU A 64 -18.15 14.93 -1.90
C GLU A 64 -18.64 13.59 -1.39
N LEU A 65 -17.77 12.58 -1.25
CA LEU A 65 -18.18 11.25 -0.83
C LEU A 65 -17.90 10.97 0.64
N THR A 66 -17.08 11.76 1.29
CA THR A 66 -16.78 11.56 2.70
C THR A 66 -16.53 12.93 3.31
N ASP A 67 -16.96 13.08 4.57
CA ASP A 67 -16.60 14.23 5.40
C ASP A 67 -15.38 13.96 6.27
N ARG A 68 -14.89 12.73 6.32
CA ARG A 68 -13.75 12.38 7.15
C ARG A 68 -12.46 12.72 6.44
N PRO A 69 -11.41 13.06 7.19
CA PRO A 69 -10.10 13.32 6.57
C PRO A 69 -9.55 12.06 5.90
N PHE A 70 -8.77 12.28 4.85
CA PHE A 70 -8.05 11.23 4.15
C PHE A 70 -6.70 11.79 3.73
N GLY A 71 -5.77 10.90 3.38
CA GLY A 71 -4.46 11.30 2.95
C GLY A 71 -4.28 11.16 1.44
N VAL A 72 -3.09 11.52 0.99
CA VAL A 72 -2.68 11.33 -0.40
C VAL A 72 -1.36 10.57 -0.40
N ASN A 73 -1.22 9.62 -1.32
CA ASN A 73 0.04 8.91 -1.53
C ASN A 73 0.78 9.56 -2.70
N LEU A 74 2.07 9.84 -2.50
CA LEU A 74 2.96 10.36 -3.53
C LEU A 74 4.11 9.39 -3.69
N THR A 75 4.18 8.73 -4.84
CA THR A 75 5.15 7.66 -5.05
C THR A 75 6.29 8.19 -5.90
N LEU A 76 7.53 7.87 -5.49
CA LEU A 76 8.75 8.35 -6.12
C LEU A 76 9.57 7.16 -6.57
N LEU A 77 9.22 6.59 -7.71
CA LEU A 77 9.84 5.39 -8.25
C LEU A 77 10.30 5.68 -9.67
N PRO A 78 11.18 4.84 -10.23
CA PRO A 78 11.59 5.03 -11.63
C PRO A 78 10.40 5.22 -12.54
N THR A 79 10.47 6.27 -13.36
CA THR A 79 9.35 6.70 -14.18
C THR A 79 9.75 6.70 -15.64
N GLN A 80 8.82 6.27 -16.50
CA GLN A 80 9.07 6.31 -17.93
C GLN A 80 9.14 7.74 -18.43
N LYS A 81 8.15 8.57 -18.09
CA LYS A 81 8.15 10.00 -18.40
C LYS A 81 8.39 10.83 -17.15
N PRO A 82 9.06 11.98 -17.27
CA PRO A 82 9.31 12.82 -16.09
C PRO A 82 8.01 13.29 -15.44
N VAL A 83 8.05 13.43 -14.11
CA VAL A 83 6.89 13.77 -13.31
C VAL A 83 7.20 15.07 -12.58
N PRO A 84 6.30 16.05 -12.59
CA PRO A 84 6.50 17.28 -11.80
C PRO A 84 6.05 17.12 -10.35
N TYR A 85 6.87 16.42 -9.57
CA TYR A 85 6.51 16.10 -8.18
C TYR A 85 6.20 17.37 -7.38
N ALA A 86 7.04 18.39 -7.51
CA ALA A 86 6.86 19.59 -6.71
C ALA A 86 5.49 20.21 -6.92
N GLU A 87 4.98 20.14 -8.17
CA GLU A 87 3.65 20.68 -8.46
C GLU A 87 2.55 19.81 -7.87
N TYR A 88 2.67 18.48 -8.00
CA TYR A 88 1.75 17.59 -7.28
C TYR A 88 1.77 17.90 -5.80
N ARG A 89 2.97 18.02 -5.23
N ARG A 89 2.97 18.05 -5.23
CA ARG A 89 3.13 18.38 -3.82
CA ARG A 89 3.09 18.37 -3.82
C ARG A 89 2.41 19.69 -3.51
C ARG A 89 2.44 19.70 -3.49
N ALA A 90 2.61 20.70 -4.36
CA ALA A 90 1.90 21.96 -4.20
C ALA A 90 0.40 21.76 -4.17
N ALA A 91 -0.13 20.93 -5.08
CA ALA A 91 -1.57 20.73 -5.12
C ALA A 91 -2.08 20.06 -3.85
N ILE A 92 -1.36 19.05 -3.35
CA ILE A 92 -1.77 18.39 -2.12
C ILE A 92 -1.86 19.39 -0.97
N ILE A 93 -0.81 20.23 -0.82
CA ILE A 93 -0.78 21.21 0.26
C ILE A 93 -1.90 22.23 0.11
N GLU A 94 -2.00 22.86 -1.08
CA GLU A 94 -3.03 23.89 -1.24
C GLU A 94 -4.44 23.33 -1.05
N ALA A 95 -4.63 22.02 -1.20
CA ALA A 95 -5.96 21.45 -0.94
C ALA A 95 -6.22 21.22 0.54
N GLY A 96 -5.25 21.46 1.41
CA GLY A 96 -5.49 21.23 2.82
C GLY A 96 -5.42 19.78 3.25
N ILE A 97 -4.74 18.91 2.49
CA ILE A 97 -4.52 17.54 2.95
C ILE A 97 -3.60 17.57 4.16
N ARG A 98 -3.98 16.84 5.21
CA ARG A 98 -3.24 16.88 6.47
C ARG A 98 -2.29 15.71 6.67
N VAL A 99 -2.28 14.72 5.79
CA VAL A 99 -1.36 13.57 5.93
C VAL A 99 -1.04 13.02 4.55
N VAL A 100 0.22 12.67 4.35
CA VAL A 100 0.71 12.16 3.09
C VAL A 100 1.52 10.91 3.37
N GLU A 101 1.37 9.91 2.49
CA GLU A 101 2.21 8.72 2.45
C GLU A 101 3.16 8.84 1.25
N THR A 102 4.44 8.96 1.51
CA THR A 102 5.46 8.90 0.46
C THR A 102 6.04 7.50 0.40
N ALA A 103 6.62 7.18 -0.75
CA ALA A 103 7.21 5.87 -0.98
C ALA A 103 8.24 6.01 -2.08
N GLY A 104 9.22 5.13 -2.08
CA GLY A 104 10.27 5.20 -3.07
C GLY A 104 11.49 5.98 -2.63
N ASN A 105 12.32 6.30 -3.63
CA ASN A 105 13.70 6.69 -3.40
C ASN A 105 13.84 8.20 -3.17
N ASP A 106 14.77 8.56 -2.29
CA ASP A 106 15.12 9.94 -2.01
C ASP A 106 13.91 10.81 -1.67
N PRO A 107 13.16 10.48 -0.61
CA PRO A 107 11.99 11.29 -0.27
C PRO A 107 12.34 12.60 0.42
N GLY A 108 13.61 12.80 0.80
CA GLY A 108 14.03 13.92 1.62
C GLY A 108 13.42 15.26 1.28
N GLU A 109 13.61 15.72 0.03
CA GLU A 109 13.15 17.06 -0.35
C GLU A 109 11.64 17.19 -0.20
N HIS A 110 10.87 16.14 -0.52
CA HIS A 110 9.42 16.24 -0.41
C HIS A 110 8.96 16.16 1.04
N ILE A 111 9.59 15.32 1.86
N ILE A 111 9.60 15.32 1.86
CA ILE A 111 9.23 15.27 3.27
CA ILE A 111 9.28 15.25 3.29
C ILE A 111 9.36 16.65 3.91
C ILE A 111 9.37 16.63 3.91
N ALA A 112 10.49 17.31 3.68
CA ALA A 112 10.73 18.61 4.30
C ALA A 112 9.65 19.62 3.92
N GLU A 113 9.31 19.68 2.63
CA GLU A 113 8.31 20.66 2.21
C GLU A 113 6.96 20.38 2.85
N PHE A 114 6.56 19.11 2.93
CA PHE A 114 5.30 18.79 3.61
C PHE A 114 5.36 19.21 5.08
N ARG A 115 6.52 18.99 5.73
N ARG A 115 6.51 19.02 5.74
CA ARG A 115 6.67 19.36 7.14
CA ARG A 115 6.62 19.36 7.15
C ARG A 115 6.51 20.87 7.32
C ARG A 115 6.56 20.88 7.36
N ARG A 116 7.18 21.66 6.47
CA ARG A 116 7.07 23.12 6.56
C ARG A 116 5.64 23.61 6.52
N HIS A 117 4.69 22.80 6.03
CA HIS A 117 3.32 23.26 5.89
C HIS A 117 2.34 22.53 6.79
N GLY A 118 2.83 21.94 7.88
CA GLY A 118 1.92 21.25 8.78
C GLY A 118 1.32 19.96 8.26
N VAL A 119 1.89 19.34 7.23
CA VAL A 119 1.38 18.07 6.70
C VAL A 119 2.18 16.93 7.30
N LYS A 120 1.53 16.06 8.07
CA LYS A 120 2.20 14.88 8.60
C LYS A 120 2.57 13.93 7.46
N VAL A 121 3.72 13.26 7.62
CA VAL A 121 4.24 12.35 6.59
C VAL A 121 4.41 10.94 7.15
N ILE A 122 3.85 9.96 6.43
CA ILE A 122 4.14 8.54 6.63
C ILE A 122 5.01 8.12 5.47
N HIS A 123 6.21 7.62 5.74
CA HIS A 123 7.07 7.16 4.66
C HIS A 123 7.09 5.63 4.60
N LYS A 124 6.88 5.09 3.41
CA LYS A 124 6.84 3.63 3.24
C LYS A 124 8.19 3.18 2.75
N CYS A 125 8.76 2.15 3.39
CA CYS A 125 10.10 1.71 3.01
C CYS A 125 10.28 0.25 3.35
N THR A 126 11.40 -0.30 2.88
CA THR A 126 11.56 -1.74 2.76
C THR A 126 12.75 -2.26 3.55
N ALA A 127 13.33 -1.45 4.41
CA ALA A 127 14.50 -1.88 5.17
C ALA A 127 14.63 -0.98 6.39
N VAL A 128 15.20 -1.54 7.45
CA VAL A 128 15.38 -0.80 8.68
C VAL A 128 16.27 0.43 8.46
N ARG A 129 17.34 0.29 7.66
CA ARG A 129 18.20 1.44 7.41
C ARG A 129 17.45 2.55 6.67
N HIS A 130 16.47 2.21 5.83
CA HIS A 130 15.71 3.26 5.15
C HIS A 130 14.71 3.92 6.09
N ALA A 131 14.11 3.12 6.99
CA ALA A 131 13.20 3.67 7.99
C ALA A 131 13.93 4.62 8.96
N LEU A 132 15.13 4.24 9.38
CA LEU A 132 15.95 5.11 10.23
C LEU A 132 16.31 6.41 9.53
N LYS A 133 16.70 6.34 8.25
CA LYS A 133 17.00 7.56 7.52
C LYS A 133 15.75 8.43 7.39
N ALA A 134 14.58 7.82 7.15
CA ALA A 134 13.33 8.56 7.11
C ALA A 134 13.03 9.22 8.46
N GLU A 135 13.26 8.49 9.54
CA GLU A 135 13.01 9.04 10.87
C GLU A 135 13.92 10.25 11.13
N ARG A 136 15.20 10.16 10.72
CA ARG A 136 16.11 11.30 10.83
C ARG A 136 15.62 12.49 10.02
N LEU A 137 14.89 12.26 8.92
CA LEU A 137 14.31 13.34 8.14
C LEU A 137 13.04 13.91 8.77
N GLY A 138 12.57 13.33 9.86
CA GLY A 138 11.45 13.91 10.57
C GLY A 138 10.07 13.44 10.17
N VAL A 139 9.94 12.25 9.60
CA VAL A 139 8.58 11.77 9.30
C VAL A 139 7.84 11.52 10.61
N ASP A 140 6.51 11.47 10.50
CA ASP A 140 5.66 11.21 11.65
C ASP A 140 5.45 9.72 11.92
N ALA A 141 5.58 8.89 10.89
CA ALA A 141 5.53 7.45 11.06
C ALA A 141 6.21 6.82 9.86
N VAL A 142 6.61 5.57 10.04
N VAL A 142 6.55 5.54 10.01
CA VAL A 142 7.12 4.81 8.92
CA VAL A 142 7.19 4.79 8.94
C VAL A 142 6.19 3.63 8.67
C VAL A 142 6.39 3.51 8.67
N SER A 143 6.07 3.27 7.40
CA SER A 143 5.38 2.06 6.98
C SER A 143 6.45 1.06 6.56
N ILE A 144 6.49 -0.09 7.23
CA ILE A 144 7.52 -1.10 7.00
C ILE A 144 6.95 -2.17 6.07
N ASP A 145 7.40 -2.15 4.83
CA ASP A 145 6.91 -3.01 3.74
C ASP A 145 7.76 -4.27 3.68
N GLY A 146 7.19 -5.43 4.08
CA GLY A 146 7.94 -6.67 4.04
C GLY A 146 7.85 -7.37 2.67
N PHE A 147 8.61 -8.47 2.55
CA PHE A 147 8.70 -9.25 1.32
C PHE A 147 7.35 -9.76 0.81
N GLU A 148 6.34 -9.92 1.69
CA GLU A 148 5.03 -10.39 1.28
C GLU A 148 4.30 -9.41 0.35
N CYS A 149 4.73 -8.16 0.31
CA CYS A 149 3.84 -7.09 -0.12
C CYS A 149 3.61 -7.12 -1.63
N ALA A 150 2.41 -6.70 -2.03
CA ALA A 150 2.20 -6.27 -3.40
C ALA A 150 3.10 -5.07 -3.69
N GLY A 151 3.63 -4.99 -4.91
CA GLY A 151 4.41 -3.83 -5.26
C GLY A 151 5.91 -4.01 -5.15
N HIS A 152 6.62 -3.00 -4.66
CA HIS A 152 8.08 -2.99 -4.72
C HIS A 152 8.65 -3.29 -3.33
N PRO A 153 9.12 -4.51 -3.07
CA PRO A 153 9.64 -4.87 -1.74
C PRO A 153 11.12 -4.59 -1.53
N GLY A 154 11.80 -4.00 -2.52
CA GLY A 154 13.25 -3.84 -2.42
C GLY A 154 13.95 -5.14 -2.78
N GLU A 155 15.23 -5.20 -2.43
CA GLU A 155 16.08 -6.32 -2.84
C GLU A 155 16.65 -7.14 -1.69
N ASP A 156 16.26 -6.86 -0.44
CA ASP A 156 16.79 -7.62 0.69
C ASP A 156 16.02 -8.92 0.96
N ASP A 157 14.75 -9.02 0.55
CA ASP A 157 13.96 -10.23 0.71
C ASP A 157 13.82 -10.62 2.19
N ILE A 158 13.36 -9.66 3.00
CA ILE A 158 13.14 -9.86 4.43
C ILE A 158 11.62 -9.82 4.67
N PRO A 159 11.00 -10.93 5.02
CA PRO A 159 9.55 -10.93 5.34
C PRO A 159 9.28 -10.20 6.65
N GLY A 160 8.01 -9.81 6.82
CA GLY A 160 7.62 -8.97 7.92
C GLY A 160 7.81 -9.60 9.28
N LEU A 161 7.72 -10.92 9.36
CA LEU A 161 7.92 -11.60 10.63
C LEU A 161 9.27 -11.25 11.27
N VAL A 162 10.29 -11.00 10.45
CA VAL A 162 11.61 -10.60 10.92
C VAL A 162 11.83 -9.09 10.79
N LEU A 163 11.37 -8.51 9.68
CA LEU A 163 11.63 -7.09 9.43
C LEU A 163 10.90 -6.18 10.43
N LEU A 164 9.65 -6.51 10.78
CA LEU A 164 8.92 -5.69 11.73
C LEU A 164 9.61 -5.66 13.09
N PRO A 165 9.93 -6.78 13.74
CA PRO A 165 10.60 -6.66 15.03
C PRO A 165 11.99 -6.08 14.91
N ALA A 166 12.69 -6.27 13.78
CA ALA A 166 13.98 -5.61 13.62
C ALA A 166 13.82 -4.10 13.54
N ALA A 167 12.76 -3.64 12.85
CA ALA A 167 12.51 -2.19 12.78
C ALA A 167 12.11 -1.65 14.16
N ALA A 168 11.23 -2.38 14.86
CA ALA A 168 10.78 -1.95 16.16
C ALA A 168 11.91 -1.91 17.18
N ASN A 169 12.95 -2.71 16.99
CA ASN A 169 14.12 -2.65 17.89
C ASN A 169 14.86 -1.31 17.77
N ARG A 170 14.70 -0.59 16.67
CA ARG A 170 15.53 0.58 16.41
C ARG A 170 14.74 1.89 16.24
N LEU A 171 13.48 1.84 15.85
N LEU A 171 13.48 1.83 15.83
CA LEU A 171 12.72 3.04 15.53
CA LEU A 171 12.72 3.05 15.55
C LEU A 171 11.95 3.55 16.75
C LEU A 171 12.05 3.58 16.82
N ARG A 172 11.70 4.86 16.78
CA ARG A 172 10.95 5.51 17.85
C ARG A 172 9.59 6.03 17.41
N VAL A 173 9.45 6.48 16.16
CA VAL A 173 8.16 6.92 15.63
C VAL A 173 7.22 5.72 15.48
N PRO A 174 5.91 5.93 15.39
CA PRO A 174 5.00 4.80 15.18
C PRO A 174 5.31 4.03 13.90
N ILE A 175 5.00 2.73 13.93
CA ILE A 175 5.31 1.82 12.83
C ILE A 175 4.00 1.28 12.29
N ILE A 176 3.86 1.31 10.97
CA ILE A 176 2.74 0.67 10.29
C ILE A 176 3.32 -0.55 9.57
N ALA A 177 2.76 -1.71 9.86
CA ALA A 177 3.19 -2.94 9.19
C ALA A 177 2.46 -3.07 7.86
N SER A 178 3.20 -3.38 6.81
CA SER A 178 2.61 -3.41 5.47
C SER A 178 3.09 -4.64 4.72
N GLY A 179 2.17 -5.30 4.04
CA GLY A 179 2.47 -6.50 3.27
C GLY A 179 2.09 -7.79 3.97
N GLY A 180 1.15 -8.52 3.38
CA GLY A 180 0.78 -9.82 3.92
C GLY A 180 -0.39 -9.83 4.88
N PHE A 181 -1.05 -8.70 5.10
CA PHE A 181 -2.09 -8.58 6.12
C PHE A 181 -3.48 -8.56 5.49
N ALA A 182 -4.40 -9.32 6.09
CA ALA A 182 -5.76 -9.38 5.55
C ALA A 182 -6.85 -9.45 6.60
N ASP A 183 -6.56 -9.77 7.85
CA ASP A 183 -7.63 -10.04 8.79
C ASP A 183 -7.12 -9.76 10.20
N GLY A 184 -7.93 -10.13 11.19
CA GLY A 184 -7.59 -9.79 12.56
C GLY A 184 -6.38 -10.54 13.10
N ARG A 185 -6.13 -11.76 12.60
CA ARG A 185 -4.93 -12.49 12.97
C ARG A 185 -3.68 -11.70 12.61
N GLY A 186 -3.65 -11.14 11.40
CA GLY A 186 -2.53 -10.32 11.00
C GLY A 186 -2.40 -9.05 11.83
N LEU A 187 -3.52 -8.41 12.15
CA LEU A 187 -3.45 -7.22 12.99
C LEU A 187 -2.80 -7.53 14.33
N VAL A 188 -3.26 -8.59 15.01
CA VAL A 188 -2.69 -8.91 16.32
C VAL A 188 -1.21 -9.25 16.18
N ALA A 189 -0.85 -10.05 15.16
CA ALA A 189 0.55 -10.39 14.96
C ALA A 189 1.40 -9.14 14.78
N ALA A 190 0.91 -8.18 13.99
CA ALA A 190 1.66 -6.96 13.75
C ALA A 190 1.80 -6.13 15.01
N LEU A 191 0.74 -6.07 15.81
CA LEU A 191 0.84 -5.33 17.07
C LEU A 191 1.81 -6.01 18.02
N ALA A 192 1.75 -7.35 18.10
CA ALA A 192 2.67 -8.08 18.95
C ALA A 192 4.11 -7.84 18.53
N LEU A 193 4.36 -7.79 17.21
CA LEU A 193 5.72 -7.65 16.73
C LEU A 193 6.27 -6.24 16.88
N GLY A 194 5.46 -5.29 17.32
CA GLY A 194 5.94 -3.94 17.55
C GLY A 194 5.32 -2.89 16.66
N ALA A 195 4.39 -3.24 15.78
CA ALA A 195 3.74 -2.21 14.97
C ALA A 195 2.57 -1.61 15.72
N ASP A 196 2.09 -0.49 15.22
CA ASP A 196 0.92 0.17 15.79
C ASP A 196 -0.26 0.16 14.85
N ALA A 197 -0.11 -0.37 13.64
CA ALA A 197 -1.21 -0.43 12.67
C ALA A 197 -0.76 -1.35 11.54
N ILE A 198 -1.72 -1.68 10.68
CA ILE A 198 -1.43 -2.41 9.46
C ILE A 198 -1.85 -1.57 8.27
N ASN A 199 -1.09 -1.70 7.20
CA ASN A 199 -1.43 -1.18 5.89
C ASN A 199 -1.82 -2.35 5.00
N MET A 200 -2.84 -2.17 4.16
CA MET A 200 -3.26 -3.23 3.27
C MET A 200 -3.51 -2.65 1.89
N GLY A 201 -3.27 -3.49 0.89
CA GLY A 201 -3.49 -3.12 -0.51
C GLY A 201 -4.41 -4.14 -1.16
N THR A 202 -3.90 -5.36 -1.34
CA THR A 202 -4.66 -6.45 -1.92
C THR A 202 -6.02 -6.64 -1.24
N ARG A 203 -6.07 -6.55 0.09
CA ARG A 203 -7.34 -6.78 0.79
C ARG A 203 -8.40 -5.77 0.36
N PHE A 204 -7.99 -4.53 0.04
CA PHE A 204 -8.99 -3.54 -0.36
C PHE A 204 -9.41 -3.72 -1.81
N LEU A 205 -8.58 -4.38 -2.63
CA LEU A 205 -9.01 -4.71 -3.98
C LEU A 205 -10.29 -5.53 -3.94
N ALA A 206 -10.39 -6.43 -2.96
CA ALA A 206 -11.51 -7.35 -2.80
C ALA A 206 -12.56 -6.81 -1.83
N THR A 207 -13.04 -5.60 -2.10
CA THR A 207 -14.11 -5.00 -1.33
C THR A 207 -15.17 -4.53 -2.32
N ARG A 208 -16.37 -4.29 -1.80
CA ARG A 208 -17.45 -3.87 -2.68
C ARG A 208 -17.15 -2.54 -3.35
N GLU A 209 -16.59 -1.57 -2.60
CA GLU A 209 -16.46 -0.23 -3.12
C GLU A 209 -15.25 -0.01 -4.02
N CYS A 210 -14.30 -0.94 -4.02
CA CYS A 210 -13.12 -0.76 -4.83
C CYS A 210 -13.55 -0.63 -6.29
N PRO A 211 -13.15 0.43 -6.98
CA PRO A 211 -13.68 0.72 -8.32
C PRO A 211 -12.94 -0.02 -9.43
N ILE A 212 -12.86 -1.34 -9.32
CA ILE A 212 -12.25 -2.17 -10.36
C ILE A 212 -13.27 -3.16 -10.87
N HIS A 213 -12.93 -3.77 -11.99
CA HIS A 213 -13.83 -4.67 -12.68
C HIS A 213 -14.07 -5.92 -11.83
N PRO A 214 -15.31 -6.38 -11.75
CA PRO A 214 -15.61 -7.56 -10.91
C PRO A 214 -14.76 -8.78 -11.22
N ALA A 215 -14.24 -8.91 -12.44
CA ALA A 215 -13.41 -10.08 -12.75
C ALA A 215 -12.03 -9.99 -12.11
N VAL A 216 -11.57 -8.79 -11.78
CA VAL A 216 -10.32 -8.67 -11.03
C VAL A 216 -10.55 -9.15 -9.60
N LYS A 217 -11.68 -8.77 -9.01
CA LYS A 217 -12.00 -9.20 -7.65
C LYS A 217 -12.17 -10.71 -7.58
N ALA A 218 -12.75 -11.31 -8.62
CA ALA A 218 -12.92 -12.76 -8.64
C ALA A 218 -11.57 -13.47 -8.80
N ALA A 219 -10.65 -12.88 -9.57
CA ALA A 219 -9.31 -13.45 -9.70
C ALA A 219 -8.57 -13.46 -8.38
N ILE A 220 -8.77 -12.44 -7.55
N ILE A 220 -8.77 -12.43 -7.56
CA ILE A 220 -8.11 -12.39 -6.24
CA ILE A 220 -8.12 -12.37 -6.25
C ILE A 220 -8.69 -13.46 -5.33
C ILE A 220 -8.69 -13.45 -5.33
N ARG A 221 -10.01 -13.59 -5.29
CA ARG A 221 -10.63 -14.64 -4.48
C ARG A 221 -10.16 -16.02 -4.93
N ALA A 222 -10.10 -16.25 -6.24
CA ALA A 222 -9.72 -17.58 -6.70
C ALA A 222 -8.24 -17.87 -6.46
N ALA A 223 -7.39 -16.83 -6.45
CA ALA A 223 -5.95 -17.03 -6.37
C ALA A 223 -5.51 -17.52 -4.98
N ASP A 224 -4.50 -18.37 -4.96
CA ASP A 224 -3.89 -18.78 -3.69
C ASP A 224 -2.60 -17.99 -3.47
N GLU A 225 -1.93 -18.28 -2.35
CA GLU A 225 -0.74 -17.53 -1.96
C GLU A 225 0.45 -17.75 -2.91
N ARG A 226 0.42 -18.78 -3.73
N ARG A 226 0.44 -18.78 -3.74
CA ARG A 226 1.52 -19.09 -4.65
CA ARG A 226 1.54 -19.05 -4.65
C ARG A 226 1.34 -18.45 -6.03
C ARG A 226 1.38 -18.39 -6.01
N SER A 227 0.34 -17.59 -6.23
CA SER A 227 0.02 -17.10 -7.56
C SER A 227 0.44 -15.65 -7.78
N THR A 228 1.65 -15.28 -7.36
CA THR A 228 2.26 -14.00 -7.69
C THR A 228 3.63 -14.25 -8.31
N ASP A 229 4.11 -13.26 -9.07
CA ASP A 229 5.44 -13.30 -9.66
C ASP A 229 6.25 -12.10 -9.19
N LEU A 230 7.57 -12.27 -9.13
CA LEU A 230 8.51 -11.17 -8.87
C LEU A 230 9.19 -10.81 -10.17
N ILE A 231 8.73 -9.73 -10.80
CA ILE A 231 9.29 -9.29 -12.08
C ILE A 231 10.38 -8.26 -11.83
N MET A 232 11.28 -8.12 -12.81
CA MET A 232 12.35 -7.13 -12.82
C MET A 232 13.38 -7.35 -11.71
N ARG A 233 13.53 -8.60 -11.25
CA ARG A 233 14.61 -8.89 -10.30
C ARG A 233 15.97 -8.63 -10.93
N SER A 234 16.11 -8.98 -12.21
CA SER A 234 17.39 -8.79 -12.91
C SER A 234 17.72 -7.31 -13.11
N LEU A 235 16.74 -6.41 -13.06
CA LEU A 235 16.97 -4.97 -13.12
C LEU A 235 17.08 -4.32 -11.75
N ARG A 236 17.04 -5.10 -10.67
N ARG A 236 17.05 -5.11 -10.67
CA ARG A 236 17.03 -4.56 -9.31
CA ARG A 236 17.00 -4.60 -9.29
C ARG A 236 15.88 -3.58 -9.12
C ARG A 236 15.89 -3.57 -9.15
N ASN A 237 14.75 -3.86 -9.75
CA ASN A 237 13.54 -3.07 -9.60
C ASN A 237 12.36 -4.00 -9.33
N THR A 238 12.62 -4.99 -8.47
CA THR A 238 11.67 -6.05 -8.16
C THR A 238 10.29 -5.49 -7.87
N ALA A 239 9.29 -6.11 -8.47
CA ALA A 239 7.90 -5.78 -8.22
C ALA A 239 7.13 -7.09 -8.12
N ARG A 240 6.28 -7.21 -7.10
CA ARG A 240 5.44 -8.39 -6.94
C ARG A 240 4.12 -8.13 -7.64
N VAL A 241 3.74 -9.01 -8.55
CA VAL A 241 2.57 -8.79 -9.39
C VAL A 241 1.78 -10.10 -9.47
N ALA A 242 0.51 -9.96 -9.85
CA ALA A 242 -0.30 -11.15 -10.11
C ALA A 242 0.32 -11.97 -11.21
N ARG A 243 0.40 -13.29 -11.00
CA ARG A 243 0.89 -14.15 -12.06
C ARG A 243 -0.11 -14.18 -13.20
N ASN A 244 0.37 -13.87 -14.40
CA ASN A 244 -0.46 -13.89 -15.59
C ASN A 244 0.46 -14.05 -16.80
N ALA A 245 -0.11 -14.06 -18.00
CA ALA A 245 0.69 -14.31 -19.18
C ALA A 245 1.77 -13.26 -19.36
N ILE A 246 1.48 -12.02 -18.98
CA ILE A 246 2.44 -10.94 -19.14
C ILE A 246 3.62 -11.14 -18.18
N SER A 247 3.34 -11.31 -16.89
CA SER A 247 4.42 -11.46 -15.93
C SER A 247 5.27 -12.69 -16.25
N GLN A 248 4.63 -13.75 -16.74
CA GLN A 248 5.38 -14.95 -17.09
C GLN A 248 6.27 -14.69 -18.30
N GLU A 249 5.78 -13.90 -19.25
CA GLU A 249 6.60 -13.51 -20.39
C GLU A 249 7.77 -12.64 -19.93
N VAL A 250 7.51 -11.68 -19.06
CA VAL A 250 8.60 -10.84 -18.54
C VAL A 250 9.66 -11.71 -17.88
N LEU A 251 9.23 -12.73 -17.12
CA LEU A 251 10.20 -13.62 -16.49
C LEU A 251 10.98 -14.40 -17.54
N ALA A 252 10.32 -14.82 -18.62
CA ALA A 252 11.03 -15.58 -19.65
C ALA A 252 12.06 -14.71 -20.36
N ILE A 253 11.77 -13.41 -20.54
CA ILE A 253 12.74 -12.52 -21.16
C ILE A 253 13.93 -12.29 -20.23
N GLU A 254 13.67 -12.14 -18.93
CA GLU A 254 14.77 -11.92 -17.99
C GLU A 254 15.65 -13.15 -17.88
N ALA A 255 15.07 -14.35 -17.99
CA ALA A 255 15.82 -15.59 -17.87
C ALA A 255 16.75 -15.85 -19.06
N ARG A 256 16.52 -15.18 -20.19
CA ARG A 256 17.39 -15.32 -21.35
C ARG A 256 18.74 -14.62 -21.16
N GLY A 257 18.85 -13.71 -20.20
N GLY A 257 18.82 -13.63 -20.28
CA GLY A 257 20.14 -13.18 -19.80
CA GLY A 257 20.02 -12.83 -20.14
C GLY A 257 20.38 -11.73 -20.15
C GLY A 257 20.04 -11.63 -21.08
N GLY A 258 20.33 -11.41 -21.44
N GLY A 258 20.85 -10.65 -20.71
CA GLY A 258 20.57 -10.04 -21.87
CA GLY A 258 21.01 -9.44 -21.49
C GLY A 258 19.31 -9.22 -21.95
C GLY A 258 19.85 -8.48 -21.47
N ALA A 259 18.76 -8.85 -20.79
CA ALA A 259 17.55 -8.03 -20.75
C ALA A 259 17.80 -6.71 -20.02
N GLY A 260 17.42 -5.61 -20.67
CA GLY A 260 17.38 -4.30 -20.04
C GLY A 260 15.94 -3.81 -20.06
N TYR A 261 15.71 -2.70 -19.35
CA TYR A 261 14.33 -2.24 -19.19
C TYR A 261 13.64 -2.01 -20.53
N ALA A 262 14.40 -1.59 -21.55
CA ALA A 262 13.80 -1.37 -22.86
C ALA A 262 13.18 -2.64 -23.43
N ASP A 263 13.75 -3.81 -23.10
N ASP A 263 13.74 -3.81 -23.09
CA ASP A 263 13.25 -5.07 -23.63
CA ASP A 263 13.25 -5.06 -23.63
C ASP A 263 11.88 -5.47 -23.05
C ASP A 263 11.89 -5.46 -23.06
N ILE A 264 11.45 -4.86 -21.95
CA ILE A 264 10.19 -5.22 -21.30
C ILE A 264 9.28 -4.04 -21.07
N ALA A 265 9.72 -2.82 -21.43
CA ALA A 265 8.95 -1.62 -21.11
C ALA A 265 7.53 -1.69 -21.67
N ALA A 266 7.37 -2.26 -22.88
CA ALA A 266 6.04 -2.33 -23.48
C ALA A 266 5.15 -3.30 -22.72
N LEU A 267 5.72 -4.36 -22.16
CA LEU A 267 4.91 -5.32 -21.41
C LEU A 267 4.50 -4.77 -20.04
N VAL A 268 5.37 -4.02 -19.38
CA VAL A 268 5.13 -3.58 -18.01
C VAL A 268 4.53 -2.19 -17.95
N SER A 269 4.13 -1.62 -19.08
CA SER A 269 3.64 -0.25 -19.10
C SER A 269 2.37 -0.12 -18.28
N GLY A 270 2.26 0.98 -17.54
CA GLY A 270 1.07 1.25 -16.76
C GLY A 270 -0.17 1.43 -17.59
N GLN A 271 -0.03 1.80 -18.86
CA GLN A 271 -1.23 1.97 -19.66
C GLN A 271 -1.83 0.64 -20.12
N ARG A 272 -1.01 -0.39 -20.29
CA ARG A 272 -1.60 -1.73 -20.41
C ARG A 272 -2.17 -2.19 -19.08
N GLY A 273 -1.43 -1.93 -17.99
CA GLY A 273 -1.85 -2.44 -16.70
C GLY A 273 -3.13 -1.81 -16.18
N ARG A 274 -3.37 -0.55 -16.50
CA ARG A 274 -4.58 0.07 -15.98
C ARG A 274 -5.83 -0.49 -16.65
N GLN A 275 -5.70 -1.07 -17.85
CA GLN A 275 -6.85 -1.68 -18.49
C GLN A 275 -7.28 -2.97 -17.80
N VAL A 276 -6.36 -3.65 -17.09
CA VAL A 276 -6.78 -4.81 -16.30
C VAL A 276 -7.91 -4.42 -15.36
N TYR A 277 -7.74 -3.33 -14.62
CA TYR A 277 -8.74 -2.93 -13.64
C TYR A 277 -10.00 -2.41 -14.30
N GLN A 278 -9.86 -1.77 -15.47
CA GLN A 278 -11.02 -1.19 -16.15
C GLN A 278 -11.86 -2.26 -16.86
N GLN A 279 -11.21 -3.09 -17.68
N GLN A 279 -11.22 -3.08 -17.69
CA GLN A 279 -11.93 -4.08 -18.48
CA GLN A 279 -11.94 -4.08 -18.47
C GLN A 279 -12.03 -5.45 -17.82
C GLN A 279 -12.06 -5.42 -17.79
N GLY A 280 -11.21 -5.73 -16.82
CA GLY A 280 -11.22 -7.04 -16.21
C GLY A 280 -10.50 -8.14 -16.97
N ASP A 281 -9.68 -7.79 -17.96
CA ASP A 281 -8.91 -8.81 -18.68
C ASP A 281 -7.58 -8.93 -17.94
N THR A 282 -7.53 -9.93 -17.05
CA THR A 282 -6.39 -10.11 -16.16
C THR A 282 -5.14 -10.57 -16.86
N ASP A 283 -5.17 -10.77 -18.18
CA ASP A 283 -3.98 -11.01 -18.98
C ASP A 283 -3.56 -9.82 -19.84
N LEU A 284 -4.27 -8.69 -19.75
CA LEU A 284 -3.93 -7.55 -20.61
C LEU A 284 -2.60 -6.93 -20.24
N GLY A 285 -2.19 -7.02 -18.97
CA GLY A 285 -0.99 -6.34 -18.56
C GLY A 285 -0.60 -6.71 -17.14
N ILE A 286 0.43 -6.04 -16.65
CA ILE A 286 0.90 -6.23 -15.29
C ILE A 286 -0.08 -5.57 -14.34
N TRP A 287 -0.55 -6.32 -13.36
CA TRP A 287 -1.29 -5.71 -12.26
C TRP A 287 -0.78 -6.26 -10.94
N SER A 288 -0.87 -5.43 -9.90
CA SER A 288 -0.25 -5.69 -8.61
C SER A 288 -1.19 -6.48 -7.72
N ALA A 289 -0.64 -7.47 -7.04
CA ALA A 289 -1.39 -8.31 -6.12
C ALA A 289 -0.40 -8.95 -5.18
N GLY A 290 -0.76 -9.07 -3.91
CA GLY A 290 0.12 -9.68 -2.95
C GLY A 290 -0.21 -11.14 -2.72
N MET A 291 0.75 -11.87 -2.14
CA MET A 291 0.50 -13.28 -1.87
C MET A 291 -0.61 -13.46 -0.85
N VAL A 292 -0.93 -12.41 -0.09
CA VAL A 292 -2.05 -12.44 0.83
C VAL A 292 -3.37 -12.75 0.13
N GLN A 293 -3.43 -12.64 -1.20
CA GLN A 293 -4.63 -13.10 -1.92
C GLN A 293 -5.04 -14.52 -1.54
N GLY A 294 -4.08 -15.39 -1.18
CA GLY A 294 -4.47 -16.72 -0.75
C GLY A 294 -5.22 -16.79 0.57
N LEU A 295 -5.35 -15.66 1.29
CA LEU A 295 -6.15 -15.61 2.50
C LEU A 295 -7.50 -14.96 2.25
N ILE A 296 -7.79 -14.57 1.02
CA ILE A 296 -8.93 -13.73 0.67
C ILE A 296 -9.84 -14.49 -0.27
N ASP A 297 -11.09 -14.67 0.13
CA ASP A 297 -12.05 -15.31 -0.77
C ASP A 297 -13.44 -14.67 -0.71
N ASP A 298 -13.56 -13.44 -0.22
CA ASP A 298 -14.86 -12.81 -0.06
C ASP A 298 -14.82 -11.38 -0.59
N GLU A 299 -15.89 -10.62 -0.38
CA GLU A 299 -16.00 -9.28 -0.95
C GLU A 299 -16.87 -8.41 -0.06
N PRO A 300 -16.38 -8.09 1.14
CA PRO A 300 -17.18 -7.28 2.06
C PRO A 300 -17.19 -5.81 1.66
N ALA A 301 -18.18 -5.11 2.17
CA ALA A 301 -18.12 -3.65 2.22
C ALA A 301 -16.98 -3.22 3.12
N CYS A 302 -16.37 -2.07 2.79
CA CYS A 302 -15.23 -1.61 3.59
C CYS A 302 -15.60 -1.42 5.06
N ALA A 303 -16.83 -0.97 5.33
CA ALA A 303 -17.21 -0.71 6.72
C ALA A 303 -17.25 -2.00 7.52
N GLU A 304 -17.89 -3.04 6.96
N GLU A 304 -17.87 -3.06 6.96
CA GLU A 304 -17.95 -4.34 7.63
CA GLU A 304 -17.94 -4.34 7.66
C GLU A 304 -16.55 -4.95 7.77
C GLU A 304 -16.55 -4.97 7.77
N LEU A 305 -15.73 -4.82 6.74
CA LEU A 305 -14.39 -5.40 6.75
C LEU A 305 -13.55 -4.86 7.90
N LEU A 306 -13.43 -3.53 8.00
CA LEU A 306 -12.62 -2.97 9.08
C LEU A 306 -13.19 -3.37 10.43
N ARG A 307 -14.51 -3.33 10.57
CA ARG A 307 -15.16 -3.73 11.81
C ARG A 307 -14.87 -5.18 12.15
N ASP A 308 -14.94 -6.07 11.14
CA ASP A 308 -14.66 -7.48 11.37
C ASP A 308 -13.21 -7.70 11.79
N ILE A 309 -12.27 -6.97 11.18
CA ILE A 309 -10.86 -7.16 11.51
C ILE A 309 -10.60 -6.81 12.97
N VAL A 310 -11.12 -5.66 13.43
CA VAL A 310 -10.80 -5.26 14.80
C VAL A 310 -11.58 -6.10 15.80
N GLU A 311 -12.80 -6.50 15.45
CA GLU A 311 -13.55 -7.39 16.34
C GLU A 311 -12.90 -8.76 16.41
N GLN A 312 -12.49 -9.31 15.26
CA GLN A 312 -11.76 -10.58 15.27
C GLN A 312 -10.47 -10.48 16.06
N ALA A 313 -9.76 -9.36 15.90
CA ALA A 313 -8.52 -9.16 16.64
C ALA A 313 -8.77 -9.09 18.14
N ARG A 314 -9.85 -8.42 18.55
CA ARG A 314 -10.16 -8.34 19.97
C ARG A 314 -10.48 -9.70 20.55
N GLN A 315 -11.25 -10.51 19.82
CA GLN A 315 -11.58 -11.86 20.27
C GLN A 315 -10.35 -12.75 20.31
N LEU A 316 -9.37 -12.53 19.43
CA LEU A 316 -8.13 -13.29 19.52
C LEU A 316 -7.40 -13.00 20.82
N VAL A 317 -7.36 -11.73 21.22
CA VAL A 317 -6.72 -11.38 22.47
C VAL A 317 -7.51 -11.94 23.64
N ARG A 318 -8.81 -11.60 23.71
CA ARG A 318 -9.59 -11.84 24.92
C ARG A 318 -9.95 -13.31 25.07
N GLN A 319 -10.15 -14.04 23.99
CA GLN A 319 -10.51 -15.46 24.08
C GLN A 319 -9.33 -16.38 23.81
N ARG A 320 -8.66 -16.25 22.66
CA ARG A 320 -7.64 -17.23 22.31
C ARG A 320 -6.40 -17.05 23.17
N LEU A 321 -5.84 -15.85 23.20
CA LEU A 321 -4.57 -15.64 23.91
C LEU A 321 -4.76 -15.69 25.41
N GLU A 322 -5.72 -14.91 25.94
CA GLU A 322 -6.01 -14.97 27.36
C GLU A 322 -6.43 -16.36 27.80
N GLY A 323 -7.12 -17.10 26.92
CA GLY A 323 -7.49 -18.46 27.26
C GLY A 323 -6.30 -19.38 27.43
N MET A 324 -5.23 -19.16 26.67
CA MET A 324 -4.02 -19.96 26.87
C MET A 324 -3.29 -19.59 28.15
N LEU A 325 -3.50 -18.37 28.65
CA LEU A 325 -2.87 -17.96 29.91
C LEU A 325 -3.69 -18.36 31.13
N ALA A 326 -4.98 -18.64 30.94
CA ALA A 326 -5.84 -19.03 32.05
C ALA A 326 -5.53 -20.46 32.49
N GLY A 327 -5.36 -21.37 31.54
CA GLY A 327 -5.03 -22.74 31.85
C GLY A 327 -5.95 -23.71 31.13
N1 FMN B . 2.38 1.33 -3.18
C2 FMN B . 2.96 2.56 -3.47
O2 FMN B . 3.80 3.03 -2.69
N3 FMN B . 2.60 3.25 -4.61
C4 FMN B . 1.66 2.73 -5.45
O4 FMN B . 1.35 3.36 -6.46
C4A FMN B . 1.08 1.48 -5.18
N5 FMN B . 0.14 0.92 -6.03
C5A FMN B . -0.44 -0.30 -5.72
C6 FMN B . -1.41 -0.83 -6.56
C7 FMN B . -2.01 -2.05 -6.25
C7M FMN B . -3.04 -2.61 -7.19
C8 FMN B . -1.63 -2.75 -5.11
C8M FMN B . -2.28 -4.08 -4.79
C9 FMN B . -0.65 -2.23 -4.26
C9A FMN B . -0.07 -0.98 -4.56
N10 FMN B . 0.89 -0.44 -3.71
C10 FMN B . 1.46 0.78 -4.03
C1' FMN B . 1.30 -1.17 -2.47
C2' FMN B . 0.32 -0.92 -1.35
O2' FMN B . 0.33 0.48 -1.10
C3' FMN B . 0.73 -1.70 -0.10
O3' FMN B . 2.00 -1.29 0.31
C4' FMN B . 0.80 -3.20 -0.38
O4' FMN B . -0.33 -3.59 -1.13
C5' FMN B . 0.84 -3.99 0.93
O5' FMN B . 0.88 -5.37 0.62
P FMN B . -0.48 -6.24 0.55
O1P FMN B . -0.09 -7.64 0.92
O2P FMN B . -1.49 -5.72 1.53
O3P FMN B . -1.05 -6.17 -0.84
PA NAD C . 5.33 3.03 -15.60
O1A NAD C . 4.41 3.14 -16.80
O2A NAD C . 6.66 3.65 -15.91
O5B NAD C . 5.50 1.40 -15.20
C5B NAD C . 6.66 0.71 -15.63
C4B NAD C . 7.21 -0.13 -14.53
O4B NAD C . 8.67 -0.30 -14.81
C3B NAD C . 7.12 0.57 -13.23
O3B NAD C . 7.05 -0.41 -12.14
C2B NAD C . 8.34 1.36 -13.11
O2B NAD C . 8.70 1.53 -11.71
C1B NAD C . 9.38 0.60 -13.84
N9A NAD C . 10.31 1.44 -14.54
C8A NAD C . 9.96 2.52 -15.15
N7A NAD C . 11.05 3.06 -15.68
C5A NAD C . 12.12 2.24 -15.38
C6A NAD C . 13.50 2.24 -15.63
N6A NAD C . 14.12 3.33 -16.41
N1A NAD C . 14.23 1.26 -15.16
C2A NAD C . 13.68 0.26 -14.44
N3A NAD C . 12.38 0.22 -14.18
C4A NAD C . 11.57 1.16 -14.61
O3 NAD C . 4.68 3.81 -14.29
PN NAD C . 3.06 3.66 -13.85
O1N NAD C . 2.66 2.21 -13.84
O2N NAD C . 2.26 4.46 -14.84
O5D NAD C . 2.85 4.27 -12.30
C5D NAD C . 3.52 5.48 -11.92
C4D NAD C . 4.43 5.22 -10.77
O4D NAD C . 3.72 4.48 -9.65
C3D NAD C . 5.59 4.38 -11.21
O3D NAD C . 6.82 4.92 -10.62
C2D NAD C . 5.35 3.03 -10.72
O2D NAD C . 6.61 2.32 -10.41
C1D NAD C . 4.55 3.20 -9.48
N1N NAD C . 3.72 2.07 -9.27
C2N NAD C . 3.91 1.34 -8.14
C3N NAD C . 3.09 0.21 -7.91
C7N NAD C . 3.30 -0.62 -6.62
O7N NAD C . 4.13 -0.30 -5.82
N7N NAD C . 2.43 -1.78 -6.40
C4N NAD C . 2.11 -0.16 -8.81
C5N NAD C . 1.94 0.60 -9.95
C6N NAD C . 2.75 1.72 -10.17
C1 GOL D . 18.10 -12.41 3.93
O1 GOL D . 19.17 -12.69 4.80
C2 GOL D . 18.49 -12.15 2.46
O2 GOL D . 19.25 -10.93 2.33
C3 GOL D . 19.09 -13.42 1.86
O3 GOL D . 18.82 -13.59 0.47
C1 GOL E . -16.37 -16.24 -3.88
O1 GOL E . -17.23 -16.37 -2.76
C2 GOL E . -17.05 -16.58 -5.20
O2 GOL E . -17.57 -17.90 -5.21
C3 GOL E . -16.01 -16.44 -6.31
O3 GOL E . -16.56 -15.85 -7.46
#